data_8PJL
#
_entry.id   8PJL
#
_cell.length_a   39.833
_cell.length_b   39.833
_cell.length_c   58.964
_cell.angle_alpha   90.000
_cell.angle_beta   90.000
_cell.angle_gamma   90.000
#
_symmetry.space_group_name_H-M   'P 41'
#
loop_
_entity.id
_entity.type
_entity.pdbx_description
1 polymer "DNA (5'-D(*TP*AP*CP*GP*TP*CP*TP*CP*TP*CP*AP*GP*TP*C)-3')"
2 polymer "DNA (5'-D(*AP*AP*CP*TP*GP*AP*GP*AP*GP*AP*CP*GP*TP*A)-3')"
3 non-polymer 'MAGNESIUM ION'
4 non-polymer 'POTASSIUM ION'
5 water water
#
loop_
_entity_poly.entity_id
_entity_poly.type
_entity_poly.pdbx_seq_one_letter_code
_entity_poly.pdbx_strand_id
1 'polydeoxyribonucleotide' (DT)(DA)(DC)(DG)(DT)(DC)(DT)(DC)(DT)(DC)(DA)(DG)(DT)(DC) A
2 'polydeoxyribonucleotide' (DG)(DA)(DC)(DT)(DG)(DA)(DG)(DA)(DG)(DA)(DC)(DG)(DT)(DA) B
#